data_5HTF
#
_entry.id   5HTF
#
_cell.length_a   65.310
_cell.length_b   84.030
_cell.length_c   114.770
_cell.angle_alpha   90.00
_cell.angle_beta   90.00
_cell.angle_gamma   90.00
#
_symmetry.space_group_name_H-M   'P 21 21 21'
#
loop_
_entity.id
_entity.type
_entity.pdbx_description
1 polymer 'Foldase protein PrsA 1'
2 non-polymer (4S)-2-METHYL-2,4-PENTANEDIOL
3 water water
#
_entity_poly.entity_id   1
_entity_poly.type   'polypeptide(L)'
_entity_poly.pdbx_seq_one_letter_code
;MACGSSAVIKTDAGSVTQDELYEAMKTTYGNEVVQQLTFKKILEDKYTVTEKEVNAEYKKYEEQYGDSFESTLSSNNLTK
TSFKENLEYNLLVQKATEANMDVSESKLKAYYKTWEPDITVRHILVDDEATAKEIQTKLKNGEKFTDLAKEYSTDTATST
NGGLLDPFGPGEMDETFEKAAYALENKDDVSGIVKSTYGYHLIQLVKKTEKGTYAKEKANVKAAYIKSQLTSENMTAALK
KELKAANIDIKDSDLKDAFADYTSTSSTSSTTTSNRSHHHHHH
;
_entity_poly.pdbx_strand_id   A,B
#
loop_
_chem_comp.id
_chem_comp.type
_chem_comp.name
_chem_comp.formula
MPD non-polymer (4S)-2-METHYL-2,4-PENTANEDIOL 'C6 H14 O2'
#
# COMPACT_ATOMS: atom_id res chain seq x y z
N ALA A 2 35.67 7.13 -15.87
CA ALA A 2 36.49 6.74 -14.74
C ALA A 2 35.73 6.84 -13.42
N CYS A 3 34.73 7.72 -13.39
CA CYS A 3 33.98 7.98 -12.16
C CYS A 3 32.99 6.87 -11.87
N GLY A 4 33.15 6.24 -10.71
CA GLY A 4 32.28 5.16 -10.28
C GLY A 4 32.45 3.91 -11.11
N SER A 5 33.64 3.71 -11.64
CA SER A 5 33.96 2.53 -12.44
C SER A 5 34.17 1.30 -11.57
N SER A 6 34.40 1.52 -10.27
CA SER A 6 34.60 0.42 -9.32
C SER A 6 33.42 -0.56 -9.32
N ALA A 7 33.73 -1.83 -9.16
CA ALA A 7 32.70 -2.87 -9.12
C ALA A 7 32.14 -2.99 -7.71
N VAL A 8 30.81 -2.93 -7.59
CA VAL A 8 30.16 -3.24 -6.32
C VAL A 8 29.85 -4.74 -6.23
N ILE A 9 29.65 -5.37 -7.39
CA ILE A 9 29.49 -6.83 -7.45
C ILE A 9 30.25 -7.41 -8.65
N LYS A 10 30.95 -8.50 -8.42
CA LYS A 10 31.64 -9.24 -9.47
C LYS A 10 30.96 -10.58 -9.74
N THR A 11 30.84 -10.94 -11.02
CA THR A 11 30.27 -12.23 -11.43
C THR A 11 31.06 -12.80 -12.60
N ASP A 12 30.86 -14.09 -12.88
CA ASP A 12 31.46 -14.71 -14.05
C ASP A 12 30.97 -14.02 -15.33
N ALA A 13 29.81 -13.36 -15.24
CA ALA A 13 29.22 -12.69 -16.38
C ALA A 13 29.61 -11.22 -16.48
N GLY A 14 30.50 -10.77 -15.61
CA GLY A 14 30.91 -9.38 -15.56
C GLY A 14 30.51 -8.67 -14.27
N SER A 15 30.99 -7.43 -14.12
CA SER A 15 30.79 -6.66 -12.89
C SER A 15 29.67 -5.64 -13.03
N VAL A 16 28.94 -5.38 -11.94
CA VAL A 16 28.06 -4.22 -11.88
C VAL A 16 28.80 -3.15 -11.09
N THR A 17 28.89 -1.94 -11.66
CA THR A 17 29.69 -0.87 -11.08
C THR A 17 28.86 0.06 -10.20
N GLN A 18 29.54 0.93 -9.46
CA GLN A 18 28.89 1.95 -8.65
C GLN A 18 28.00 2.85 -9.51
N ASP A 19 28.54 3.28 -10.65
CA ASP A 19 27.82 4.13 -11.59
C ASP A 19 26.52 3.47 -12.04
N GLU A 20 26.61 2.21 -12.44
CA GLU A 20 25.44 1.46 -12.91
C GLU A 20 24.40 1.33 -11.81
N LEU A 21 24.84 1.18 -10.57
CA LEU A 21 23.90 1.09 -9.45
C LEU A 21 23.28 2.46 -9.20
N TYR A 22 24.11 3.49 -9.21
CA TYR A 22 23.64 4.87 -9.09
C TYR A 22 22.57 5.20 -10.13
N GLU A 23 22.85 4.92 -11.39
CA GLU A 23 21.96 5.29 -12.48
C GLU A 23 20.67 4.48 -12.44
N ALA A 24 20.77 3.21 -12.04
CA ALA A 24 19.60 2.35 -11.95
C ALA A 24 18.68 2.80 -10.82
N MET A 25 19.26 3.12 -9.65
CA MET A 25 18.47 3.63 -8.53
C MET A 25 17.83 4.97 -8.87
N LYS A 26 18.61 5.86 -9.49
CA LYS A 26 18.13 7.19 -9.83
C LYS A 26 16.89 7.16 -10.74
N THR A 27 16.90 6.24 -11.70
CA THR A 27 15.80 6.14 -12.67
C THR A 27 14.47 5.89 -11.97
N THR A 28 14.50 5.05 -10.94
CA THR A 28 13.27 4.63 -10.27
C THR A 28 12.99 5.46 -9.03
N TYR A 29 14.04 5.75 -8.25
CA TYR A 29 13.89 6.37 -6.94
C TYR A 29 14.53 7.75 -6.81
N GLY A 30 15.17 8.22 -7.88
CA GLY A 30 15.93 9.46 -7.82
C GLY A 30 15.09 10.69 -7.52
N ASN A 31 13.98 10.86 -8.22
CA ASN A 31 13.10 12.01 -8.00
C ASN A 31 12.58 12.14 -6.57
N GLU A 32 12.09 11.05 -6.01
CA GLU A 32 11.48 11.11 -4.68
C GLU A 32 12.54 11.35 -3.61
N VAL A 33 13.69 10.70 -3.74
CA VAL A 33 14.74 10.84 -2.74
C VAL A 33 15.37 12.23 -2.79
N VAL A 34 15.65 12.74 -4.00
CA VAL A 34 16.29 14.04 -4.12
C VAL A 34 15.36 15.16 -3.68
N GLN A 35 14.05 14.95 -3.87
CA GLN A 35 13.06 15.92 -3.41
C GLN A 35 13.16 16.09 -1.90
N GLN A 36 13.20 14.96 -1.19
CA GLN A 36 13.27 15.00 0.26
C GLN A 36 14.58 15.59 0.76
N LEU A 37 15.69 15.19 0.15
CA LEU A 37 17.00 15.75 0.50
C LEU A 37 17.02 17.26 0.30
N THR A 38 16.39 17.71 -0.78
CA THR A 38 16.39 19.13 -1.11
C THR A 38 15.56 19.93 -0.11
N PHE A 39 14.33 19.49 0.13
CA PHE A 39 13.46 20.15 1.10
C PHE A 39 14.07 20.15 2.51
N LYS A 40 14.69 19.03 2.89
CA LYS A 40 15.30 18.92 4.21
C LYS A 40 16.36 19.99 4.38
N LYS A 41 17.17 20.18 3.33
CA LYS A 41 18.24 21.16 3.38
C LYS A 41 17.69 22.58 3.42
N ILE A 42 16.64 22.87 2.65
CA ILE A 42 16.03 24.20 2.65
C ILE A 42 15.34 24.51 3.97
N LEU A 43 14.63 23.52 4.52
CA LEU A 43 13.86 23.69 5.74
C LEU A 43 14.76 23.74 6.97
N GLU A 44 15.82 22.94 6.97
CA GLU A 44 16.77 22.91 8.09
C GLU A 44 17.36 24.28 8.31
N ASP A 45 17.49 25.03 7.23
CA ASP A 45 18.06 26.36 7.26
C ASP A 45 17.16 27.36 7.97
N LYS A 46 15.86 27.18 7.82
CA LYS A 46 14.88 28.16 8.28
C LYS A 46 14.17 27.80 9.59
N TYR A 47 14.03 26.50 9.85
CA TYR A 47 13.19 26.04 10.96
C TYR A 47 13.93 25.12 11.92
N THR A 48 13.68 25.32 13.21
CA THR A 48 14.33 24.53 14.26
C THR A 48 13.48 23.31 14.63
N VAL A 49 14.12 22.16 14.60
CA VAL A 49 13.55 20.92 15.13
C VAL A 49 14.49 20.36 16.17
N THR A 50 13.98 20.08 17.37
CA THR A 50 14.80 19.53 18.44
C THR A 50 14.73 18.01 18.42
N GLU A 51 15.81 17.37 18.88
CA GLU A 51 15.84 15.92 19.04
C GLU A 51 14.77 15.45 20.02
N LYS A 52 14.44 16.33 20.96
CA LYS A 52 13.39 16.10 21.93
C LYS A 52 12.05 15.88 21.23
N GLU A 53 11.79 16.72 20.23
CA GLU A 53 10.57 16.63 19.43
C GLU A 53 10.50 15.33 18.62
N VAL A 54 11.63 14.97 18.00
CA VAL A 54 11.69 13.79 17.15
C VAL A 54 11.52 12.52 17.96
N ASN A 55 12.12 12.49 19.14
CA ASN A 55 12.02 11.34 20.03
C ASN A 55 10.59 11.16 20.54
N ALA A 56 9.96 12.27 20.91
CA ALA A 56 8.57 12.24 21.37
C ALA A 56 7.65 11.70 20.28
N GLU A 57 7.90 12.13 19.05
CA GLU A 57 7.13 11.64 17.91
C GLU A 57 7.38 10.16 17.68
N TYR A 58 8.64 9.75 17.75
CA TYR A 58 9.00 8.34 17.57
C TYR A 58 8.27 7.46 18.60
N LYS A 59 8.24 7.89 19.86
CA LYS A 59 7.61 7.13 20.93
C LYS A 59 6.09 7.06 20.73
N LYS A 60 5.50 8.20 20.36
CA LYS A 60 4.09 8.27 19.98
C LYS A 60 3.68 7.13 19.05
N TYR A 61 4.32 7.08 17.88
CA TYR A 61 4.04 6.04 16.89
C TYR A 61 4.34 4.62 17.40
N GLU A 62 5.43 4.48 18.14
CA GLU A 62 5.89 3.16 18.55
C GLU A 62 4.90 2.48 19.48
N GLU A 63 4.35 3.24 20.42
CA GLU A 63 3.35 2.75 21.35
C GLU A 63 2.04 2.56 20.62
N GLN A 64 1.67 3.56 19.83
CA GLN A 64 0.45 3.56 19.02
C GLN A 64 0.28 2.27 18.22
N TYR A 65 1.31 1.89 17.49
CA TYR A 65 1.27 0.67 16.69
C TYR A 65 1.49 -0.56 17.57
N GLY A 66 2.12 -0.34 18.71
CA GLY A 66 2.41 -1.39 19.67
C GLY A 66 3.12 -2.59 19.06
N ASP A 67 2.51 -3.76 19.19
CA ASP A 67 3.12 -5.00 18.70
C ASP A 67 3.33 -5.00 17.18
N SER A 68 2.46 -4.31 16.46
CA SER A 68 2.51 -4.32 14.99
C SER A 68 3.50 -3.32 14.41
N PHE A 69 4.22 -2.61 15.28
CA PHE A 69 5.16 -1.56 14.87
C PHE A 69 6.15 -2.04 13.81
N GLU A 70 7.04 -2.95 14.21
CA GLU A 70 8.06 -3.52 13.33
C GLU A 70 7.51 -4.10 12.03
N SER A 71 6.34 -4.71 12.09
CA SER A 71 5.75 -5.33 10.91
C SER A 71 5.37 -4.29 9.88
N THR A 72 4.85 -3.15 10.34
CA THR A 72 4.40 -2.10 9.45
C THR A 72 5.58 -1.32 8.87
N LEU A 73 6.69 -1.25 9.61
CA LEU A 73 7.89 -0.61 9.09
C LEU A 73 8.43 -1.37 7.89
N SER A 74 8.56 -2.69 8.07
CA SER A 74 9.09 -3.56 7.02
C SER A 74 8.20 -3.53 5.77
N SER A 75 6.89 -3.46 5.99
CA SER A 75 5.94 -3.44 4.90
C SER A 75 6.01 -2.14 4.10
N ASN A 76 6.53 -1.08 4.73
CA ASN A 76 6.72 0.21 4.08
C ASN A 76 8.18 0.43 3.71
N ASN A 77 8.96 -0.65 3.74
CA ASN A 77 10.38 -0.60 3.41
C ASN A 77 11.12 0.41 4.29
N LEU A 78 10.95 0.28 5.61
CA LEU A 78 11.60 1.16 6.58
C LEU A 78 12.31 0.38 7.67
N THR A 79 13.42 0.93 8.15
CA THR A 79 14.01 0.53 9.41
C THR A 79 13.62 1.55 10.47
N LYS A 80 13.93 1.26 11.72
CA LYS A 80 13.68 2.18 12.82
C LYS A 80 14.45 3.47 12.57
N THR A 81 15.67 3.30 12.07
CA THR A 81 16.56 4.42 11.81
C THR A 81 16.04 5.31 10.69
N SER A 82 15.67 4.71 9.56
CA SER A 82 15.16 5.46 8.42
C SER A 82 13.82 6.12 8.74
N PHE A 83 13.02 5.45 9.57
CA PHE A 83 11.74 5.97 9.99
C PHE A 83 11.90 7.22 10.85
N LYS A 84 12.83 7.17 11.80
CA LYS A 84 13.14 8.29 12.66
C LYS A 84 13.58 9.51 11.82
N GLU A 85 14.30 9.26 10.73
CA GLU A 85 14.76 10.33 9.85
C GLU A 85 13.57 10.98 9.15
N ASN A 86 12.63 10.14 8.71
CA ASN A 86 11.41 10.65 8.08
C ASN A 86 10.56 11.46 9.04
N LEU A 87 10.57 11.08 10.33
CA LEU A 87 9.83 11.84 11.33
C LEU A 87 10.45 13.21 11.49
N GLU A 88 11.79 13.28 11.45
CA GLU A 88 12.48 14.56 11.54
C GLU A 88 12.12 15.42 10.35
N TYR A 89 12.06 14.79 9.18
CA TYR A 89 11.71 15.50 7.96
C TYR A 89 10.27 15.99 8.01
N ASN A 90 9.38 15.13 8.47
CA ASN A 90 7.97 15.49 8.58
C ASN A 90 7.76 16.65 9.55
N LEU A 91 8.54 16.67 10.64
CA LEU A 91 8.45 17.75 11.61
C LEU A 91 8.89 19.07 10.98
N LEU A 92 9.93 19.05 10.15
CA LEU A 92 10.34 20.25 9.43
C LEU A 92 9.21 20.78 8.58
N VAL A 93 8.52 19.87 7.90
CA VAL A 93 7.40 20.23 7.04
C VAL A 93 6.30 20.83 7.91
N GLN A 94 6.10 20.27 9.10
CA GLN A 94 5.11 20.78 10.04
C GLN A 94 5.44 22.21 10.47
N LYS A 95 6.72 22.49 10.72
CA LYS A 95 7.13 23.83 11.14
C LYS A 95 6.82 24.85 10.05
N ALA A 96 7.09 24.48 8.80
CA ALA A 96 6.87 25.38 7.68
C ALA A 96 5.38 25.63 7.50
N THR A 97 4.57 24.64 7.85
CA THR A 97 3.12 24.73 7.73
C THR A 97 2.56 25.63 8.82
N GLU A 98 3.11 25.51 10.03
CA GLU A 98 2.70 26.35 11.15
C GLU A 98 3.01 27.82 10.90
N ALA A 99 4.15 28.07 10.25
CA ALA A 99 4.56 29.43 9.91
C ALA A 99 3.54 30.07 8.96
N ASN A 100 2.75 29.23 8.31
CA ASN A 100 1.73 29.68 7.36
C ASN A 100 0.33 29.70 7.99
N MET A 101 0.25 29.48 9.29
CA MET A 101 -1.02 29.42 10.00
C MET A 101 -1.42 30.76 10.61
N ASP A 102 -2.73 31.04 10.58
CA ASP A 102 -3.29 32.15 11.34
C ASP A 102 -3.69 31.61 12.71
N VAL A 103 -2.88 31.93 13.72
CA VAL A 103 -3.19 31.56 15.09
C VAL A 103 -3.55 32.81 15.90
N SER A 104 -4.51 33.56 15.39
CA SER A 104 -4.98 34.77 16.05
C SER A 104 -6.03 34.37 17.08
N GLU A 105 -6.21 35.21 18.10
CA GLU A 105 -7.16 34.95 19.17
C GLU A 105 -8.56 34.62 18.68
N SER A 106 -8.99 35.28 17.60
CA SER A 106 -10.32 35.07 17.06
C SER A 106 -10.47 33.66 16.49
N LYS A 107 -9.39 33.15 15.89
CA LYS A 107 -9.37 31.80 15.36
C LYS A 107 -9.42 30.79 16.50
N LEU A 108 -8.61 31.03 17.52
CA LEU A 108 -8.51 30.14 18.66
C LEU A 108 -9.79 30.09 19.49
N LYS A 109 -10.37 31.25 19.78
CA LYS A 109 -11.62 31.30 20.54
C LYS A 109 -12.74 30.62 19.77
N ALA A 110 -12.71 30.74 18.44
CA ALA A 110 -13.67 30.06 17.61
C ALA A 110 -13.42 28.55 17.66
N TYR A 111 -12.17 28.14 17.63
CA TYR A 111 -11.87 26.71 17.68
C TYR A 111 -12.27 26.11 19.04
N TYR A 112 -12.16 26.92 20.09
CA TYR A 112 -12.50 26.51 21.45
C TYR A 112 -13.93 25.96 21.56
N LYS A 113 -14.85 26.54 20.78
CA LYS A 113 -16.26 26.18 20.86
C LYS A 113 -16.45 24.70 20.56
N THR A 114 -15.73 24.21 19.54
CA THR A 114 -15.83 22.82 19.12
C THR A 114 -14.94 21.89 19.95
N TRP A 115 -13.81 22.42 20.41
CA TRP A 115 -12.81 21.63 21.11
C TRP A 115 -13.35 20.98 22.39
N GLU A 116 -12.85 19.78 22.70
CA GLU A 116 -13.10 19.12 23.98
C GLU A 116 -11.81 18.52 24.56
N PRO A 117 -11.73 18.41 25.89
CA PRO A 117 -10.60 17.65 26.46
C PRO A 117 -10.64 16.19 26.00
N ASP A 118 -9.52 15.48 26.17
CA ASP A 118 -9.44 14.10 25.73
C ASP A 118 -10.49 13.22 26.43
N ILE A 119 -10.92 12.17 25.72
CA ILE A 119 -11.91 11.25 26.25
C ILE A 119 -11.34 9.83 26.18
N THR A 120 -11.63 9.03 27.20
CA THR A 120 -11.19 7.64 27.24
C THR A 120 -12.39 6.71 27.22
N VAL A 121 -12.39 5.78 26.27
CA VAL A 121 -13.47 4.82 26.13
C VAL A 121 -12.91 3.42 25.90
N ARG A 122 -13.79 2.43 26.03
CA ARG A 122 -13.53 1.09 25.51
C ARG A 122 -14.46 0.90 24.32
N HIS A 123 -14.16 -0.07 23.47
CA HIS A 123 -15.10 -0.38 22.41
C HIS A 123 -15.02 -1.84 21.98
N ILE A 124 -16.04 -2.27 21.26
CA ILE A 124 -16.10 -3.62 20.71
C ILE A 124 -16.39 -3.49 19.23
N LEU A 125 -15.57 -4.11 18.39
CA LEU A 125 -15.73 -4.01 16.94
C LEU A 125 -16.17 -5.35 16.36
N VAL A 126 -17.24 -5.33 15.57
CA VAL A 126 -17.75 -6.54 14.95
C VAL A 126 -18.18 -6.31 13.51
N ASP A 127 -18.33 -7.40 12.78
CA ASP A 127 -18.51 -7.38 11.33
C ASP A 127 -19.88 -6.89 10.88
N ASP A 128 -20.92 -7.18 11.67
CA ASP A 128 -22.28 -6.85 11.28
C ASP A 128 -23.18 -6.48 12.45
N GLU A 129 -24.33 -5.89 12.13
CA GLU A 129 -25.23 -5.32 13.11
C GLU A 129 -25.88 -6.40 13.98
N ALA A 130 -26.12 -7.56 13.39
CA ALA A 130 -26.74 -8.67 14.12
C ALA A 130 -25.87 -9.14 15.27
N THR A 131 -24.56 -9.16 15.06
CA THR A 131 -23.61 -9.54 16.11
C THR A 131 -23.63 -8.50 17.24
N ALA A 132 -23.71 -7.23 16.86
CA ALA A 132 -23.77 -6.15 17.84
C ALA A 132 -25.03 -6.26 18.69
N LYS A 133 -26.14 -6.61 18.05
CA LYS A 133 -27.41 -6.78 18.74
C LYS A 133 -27.34 -7.91 19.76
N GLU A 134 -26.66 -8.98 19.39
CA GLU A 134 -26.40 -10.11 20.28
C GLU A 134 -25.64 -9.68 21.53
N ILE A 135 -24.60 -8.88 21.33
CA ILE A 135 -23.82 -8.36 22.44
C ILE A 135 -24.65 -7.43 23.33
N GLN A 136 -25.53 -6.65 22.71
CA GLN A 136 -26.39 -5.74 23.45
C GLN A 136 -27.31 -6.53 24.38
N THR A 137 -27.68 -7.73 23.96
CA THR A 137 -28.59 -8.54 24.75
C THR A 137 -27.85 -9.18 25.91
N LYS A 138 -26.56 -9.47 25.70
CA LYS A 138 -25.77 -10.07 26.77
C LYS A 138 -25.48 -9.03 27.85
N LEU A 139 -25.30 -7.78 27.41
CA LEU A 139 -25.08 -6.67 28.35
C LEU A 139 -26.31 -6.50 29.24
N LYS A 140 -27.49 -6.55 28.63
CA LYS A 140 -28.73 -6.48 29.39
C LYS A 140 -28.87 -7.65 30.36
N ASN A 141 -28.32 -8.80 29.97
CA ASN A 141 -28.47 -10.02 30.77
C ASN A 141 -27.38 -10.17 31.84
N GLY A 142 -26.41 -9.26 31.83
CA GLY A 142 -25.47 -9.16 32.93
C GLY A 142 -24.05 -9.56 32.65
N GLU A 143 -23.69 -9.80 31.39
CA GLU A 143 -22.29 -10.11 31.11
C GLU A 143 -21.49 -8.81 31.06
N LYS A 144 -20.19 -8.91 31.30
CA LYS A 144 -19.33 -7.74 31.40
C LYS A 144 -18.82 -7.25 30.05
N PHE A 145 -18.86 -5.92 29.86
CA PHE A 145 -18.41 -5.31 28.61
C PHE A 145 -16.99 -5.73 28.24
N THR A 146 -16.08 -5.72 29.22
CA THR A 146 -14.70 -6.10 28.97
C THR A 146 -14.58 -7.57 28.59
N ASP A 147 -15.41 -8.43 29.19
CA ASP A 147 -15.44 -9.84 28.83
C ASP A 147 -15.94 -10.01 27.40
N LEU A 148 -16.92 -9.22 27.01
CA LEU A 148 -17.52 -9.38 25.69
C LEU A 148 -16.61 -8.80 24.62
N ALA A 149 -15.74 -7.88 25.02
CA ALA A 149 -14.72 -7.34 24.13
C ALA A 149 -13.70 -8.42 23.74
N LYS A 150 -13.23 -9.15 24.74
CA LYS A 150 -12.24 -10.19 24.50
C LYS A 150 -12.83 -11.36 23.71
N GLU A 151 -14.14 -11.57 23.87
CA GLU A 151 -14.83 -12.64 23.16
C GLU A 151 -15.18 -12.29 21.71
N TYR A 152 -15.59 -11.04 21.47
CA TYR A 152 -16.19 -10.67 20.19
C TYR A 152 -15.37 -9.70 19.35
N SER A 153 -14.60 -8.82 19.98
CA SER A 153 -14.03 -7.70 19.25
C SER A 153 -12.97 -8.15 18.25
N THR A 154 -13.14 -7.75 16.99
CA THR A 154 -12.18 -8.04 15.94
C THR A 154 -11.04 -7.01 15.93
N ASP A 155 -11.02 -6.11 16.92
CA ASP A 155 -9.95 -5.14 17.04
C ASP A 155 -8.83 -5.77 17.86
N THR A 156 -7.90 -6.41 17.16
CA THR A 156 -6.83 -7.16 17.80
C THR A 156 -5.91 -6.28 18.63
N ALA A 157 -5.88 -4.99 18.32
CA ALA A 157 -5.03 -4.05 19.03
C ALA A 157 -5.49 -3.86 20.48
N THR A 158 -6.80 -3.99 20.72
CA THR A 158 -7.38 -3.64 22.02
C THR A 158 -8.23 -4.73 22.67
N SER A 159 -8.59 -5.76 21.89
CA SER A 159 -9.56 -6.76 22.36
C SER A 159 -9.11 -7.47 23.63
N THR A 160 -7.83 -7.84 23.70
CA THR A 160 -7.31 -8.55 24.86
C THR A 160 -7.37 -7.70 26.13
N ASN A 161 -7.27 -6.38 25.98
CA ASN A 161 -7.27 -5.47 27.12
C ASN A 161 -8.66 -4.90 27.39
N GLY A 162 -9.69 -5.71 27.19
CA GLY A 162 -11.06 -5.28 27.42
C GLY A 162 -11.56 -4.24 26.44
N GLY A 163 -10.81 -4.04 25.35
CA GLY A 163 -11.16 -3.07 24.33
C GLY A 163 -10.77 -1.64 24.62
N LEU A 164 -9.93 -1.44 25.63
CA LEU A 164 -9.52 -0.09 26.01
C LEU A 164 -8.75 0.61 24.90
N LEU A 165 -9.18 1.83 24.58
CA LEU A 165 -8.45 2.70 23.66
C LEU A 165 -7.67 3.78 24.41
N ASP A 166 -6.68 4.36 23.75
CA ASP A 166 -5.95 5.49 24.31
C ASP A 166 -6.87 6.69 24.32
N PRO A 167 -6.55 7.70 25.16
CA PRO A 167 -7.30 8.95 25.11
C PRO A 167 -7.17 9.65 23.77
N PHE A 168 -8.25 10.26 23.30
CA PHE A 168 -8.23 11.01 22.06
C PHE A 168 -9.15 12.22 22.14
N GLY A 169 -8.84 13.22 21.33
CA GLY A 169 -9.65 14.41 21.24
C GLY A 169 -10.45 14.38 19.94
N PRO A 170 -11.15 15.49 19.64
CA PRO A 170 -11.92 15.59 18.40
C PRO A 170 -11.02 15.66 17.16
N GLY A 171 -11.54 15.19 16.02
CA GLY A 171 -10.77 15.11 14.80
C GLY A 171 -9.87 13.89 14.67
N GLU A 172 -9.47 13.30 15.79
CA GLU A 172 -8.46 12.25 15.77
C GLU A 172 -9.02 10.87 15.39
N MET A 173 -10.33 10.70 15.47
CA MET A 173 -10.98 9.43 15.15
C MET A 173 -12.06 9.60 14.10
N ASP A 174 -12.60 8.48 13.63
CA ASP A 174 -13.76 8.48 12.75
C ASP A 174 -14.83 9.37 13.37
N GLU A 175 -15.42 10.26 12.57
CA GLU A 175 -16.31 11.29 13.11
C GLU A 175 -17.49 10.64 13.82
N THR A 176 -18.06 9.62 13.21
CA THR A 176 -19.23 8.94 13.77
C THR A 176 -18.86 8.33 15.12
N PHE A 177 -17.69 7.72 15.19
CA PHE A 177 -17.20 7.15 16.44
C PHE A 177 -17.09 8.25 17.49
N GLU A 178 -16.50 9.37 17.10
CA GLU A 178 -16.24 10.47 18.01
C GLU A 178 -17.51 11.10 18.57
N LYS A 179 -18.49 11.37 17.72
CA LYS A 179 -19.78 11.87 18.19
C LYS A 179 -20.40 10.95 19.23
N ALA A 180 -20.44 9.65 18.90
CA ALA A 180 -21.07 8.68 19.78
C ALA A 180 -20.36 8.61 21.14
N ALA A 181 -19.04 8.75 21.12
CA ALA A 181 -18.25 8.67 22.34
C ALA A 181 -18.52 9.87 23.25
N TYR A 182 -18.45 11.08 22.70
CA TYR A 182 -18.62 12.28 23.49
C TYR A 182 -20.07 12.45 23.94
N ALA A 183 -21.00 11.80 23.26
CA ALA A 183 -22.40 11.83 23.66
C ALA A 183 -22.65 11.03 24.93
N LEU A 184 -21.72 10.15 25.28
CA LEU A 184 -21.84 9.41 26.53
C LEU A 184 -21.65 10.35 27.70
N GLU A 185 -22.42 10.12 28.77
CA GLU A 185 -22.53 11.08 29.86
C GLU A 185 -21.71 10.68 31.06
N ASN A 186 -21.92 9.46 31.54
CA ASN A 186 -21.30 9.01 32.78
C ASN A 186 -20.45 7.77 32.57
N LYS A 187 -19.50 7.61 33.48
CA LYS A 187 -18.61 6.46 33.52
C LYS A 187 -19.46 5.18 33.41
N ASP A 188 -19.04 4.25 32.56
CA ASP A 188 -19.68 2.94 32.40
C ASP A 188 -20.93 2.99 31.53
N ASP A 189 -21.31 4.18 31.05
CA ASP A 189 -22.42 4.24 30.10
C ASP A 189 -21.98 3.61 28.78
N VAL A 190 -22.93 3.02 28.06
CA VAL A 190 -22.62 2.28 26.84
C VAL A 190 -23.43 2.89 25.69
N SER A 191 -22.82 2.96 24.52
CA SER A 191 -23.49 3.54 23.36
C SER A 191 -24.49 2.57 22.75
N GLY A 192 -25.28 3.09 21.81
CA GLY A 192 -26.03 2.27 20.89
C GLY A 192 -25.06 1.77 19.83
N ILE A 193 -25.57 1.08 18.82
CA ILE A 193 -24.71 0.60 17.76
C ILE A 193 -24.17 1.76 16.94
N VAL A 194 -22.85 1.78 16.79
CA VAL A 194 -22.17 2.80 16.00
C VAL A 194 -21.65 2.15 14.73
N LYS A 195 -21.85 2.82 13.61
CA LYS A 195 -21.38 2.35 12.32
C LYS A 195 -20.29 3.25 11.75
N SER A 196 -19.06 2.75 11.79
CA SER A 196 -17.90 3.45 11.25
C SER A 196 -17.44 2.80 9.95
N THR A 197 -16.37 3.32 9.38
CA THR A 197 -15.78 2.75 8.18
C THR A 197 -15.27 1.33 8.43
N TYR A 198 -14.89 1.06 9.67
CA TYR A 198 -14.30 -0.22 10.04
C TYR A 198 -15.34 -1.31 10.29
N GLY A 199 -16.52 -0.91 10.75
CA GLY A 199 -17.55 -1.87 11.10
C GLY A 199 -18.56 -1.32 12.08
N TYR A 200 -19.08 -2.20 12.94
CA TYR A 200 -20.08 -1.80 13.93
C TYR A 200 -19.47 -1.81 15.33
N HIS A 201 -19.68 -0.73 16.08
CA HIS A 201 -19.12 -0.61 17.42
C HIS A 201 -20.17 -0.52 18.53
N LEU A 202 -19.75 -0.94 19.70
CA LEU A 202 -20.37 -0.53 20.95
C LEU A 202 -19.27 0.16 21.75
N ILE A 203 -19.61 1.26 22.41
CA ILE A 203 -18.62 2.07 23.11
C ILE A 203 -19.00 2.26 24.57
N GLN A 204 -18.03 2.09 25.47
CA GLN A 204 -18.23 2.30 26.89
C GLN A 204 -17.32 3.42 27.36
N LEU A 205 -17.89 4.37 28.12
CA LEU A 205 -17.11 5.50 28.60
C LEU A 205 -16.30 5.08 29.82
N VAL A 206 -15.05 5.52 29.86
CA VAL A 206 -14.19 5.29 31.01
C VAL A 206 -13.90 6.60 31.74
N LYS A 207 -13.48 7.59 30.98
CA LYS A 207 -13.17 8.90 31.52
C LYS A 207 -13.59 10.03 30.59
N LYS A 208 -14.25 11.03 31.17
CA LYS A 208 -14.59 12.24 30.45
C LYS A 208 -14.28 13.42 31.38
N THR A 209 -13.86 14.54 30.79
CA THR A 209 -13.64 15.77 31.55
C THR A 209 -14.40 16.92 30.91
N GLU A 210 -15.04 17.74 31.73
CA GLU A 210 -15.77 18.88 31.21
C GLU A 210 -14.80 19.99 30.85
N LYS A 211 -15.05 20.61 29.69
CA LYS A 211 -14.23 21.71 29.20
C LYS A 211 -14.26 22.88 30.18
N GLY A 212 -13.07 23.38 30.52
CA GLY A 212 -12.93 24.53 31.39
C GLY A 212 -13.11 25.82 30.60
N THR A 213 -12.84 26.95 31.25
CA THR A 213 -12.93 28.24 30.60
C THR A 213 -11.85 28.36 29.51
N TYR A 214 -12.06 29.25 28.54
CA TYR A 214 -11.05 29.46 27.50
C TYR A 214 -9.72 29.87 28.13
N ALA A 215 -9.79 30.75 29.12
CA ALA A 215 -8.59 31.24 29.78
C ALA A 215 -7.76 30.10 30.36
N LYS A 216 -8.44 29.14 30.97
CA LYS A 216 -7.79 27.97 31.54
C LYS A 216 -7.31 26.99 30.46
N GLU A 217 -8.09 26.88 29.37
CA GLU A 217 -7.80 25.90 28.33
C GLU A 217 -7.08 26.41 27.09
N LYS A 218 -6.62 27.66 27.07
CA LYS A 218 -6.21 28.22 25.78
C LYS A 218 -4.95 27.54 25.23
N ALA A 219 -4.02 27.15 26.10
CA ALA A 219 -2.80 26.50 25.63
C ALA A 219 -3.11 25.13 25.01
N ASN A 220 -4.07 24.42 25.58
CA ASN A 220 -4.58 23.19 24.99
C ASN A 220 -5.29 23.44 23.67
N VAL A 221 -6.08 24.50 23.62
CA VAL A 221 -6.84 24.83 22.43
C VAL A 221 -5.91 25.17 21.27
N LYS A 222 -4.86 25.95 21.56
CA LYS A 222 -3.88 26.33 20.55
C LYS A 222 -3.15 25.13 19.97
N ALA A 223 -2.72 24.21 20.83
CA ALA A 223 -2.00 23.03 20.37
C ALA A 223 -2.90 22.17 19.49
N ALA A 224 -4.15 22.03 19.90
CA ALA A 224 -5.10 21.22 19.14
C ALA A 224 -5.44 21.88 17.80
N TYR A 225 -5.56 23.21 17.80
CA TYR A 225 -5.89 23.94 16.58
C TYR A 225 -4.79 23.80 15.52
N ILE A 226 -3.54 23.97 15.95
CA ILE A 226 -2.42 23.88 15.03
C ILE A 226 -2.35 22.49 14.41
N LYS A 227 -2.57 21.50 15.27
CA LYS A 227 -2.59 20.10 14.89
C LYS A 227 -3.67 19.84 13.84
N SER A 228 -4.86 20.39 14.05
CA SER A 228 -5.97 20.18 13.12
C SER A 228 -5.68 20.83 11.77
N GLN A 229 -4.75 21.78 11.75
CA GLN A 229 -4.41 22.51 10.52
C GLN A 229 -3.27 21.86 9.75
N LEU A 230 -2.67 20.82 10.33
CA LEU A 230 -1.62 20.08 9.63
C LEU A 230 -2.24 19.07 8.66
N THR A 231 -3.04 19.59 7.74
CA THR A 231 -3.67 18.79 6.70
C THR A 231 -2.72 18.58 5.52
N SER A 232 -3.00 17.58 4.70
CA SER A 232 -2.19 17.32 3.51
C SER A 232 -2.21 18.52 2.57
N GLU A 233 -3.34 19.21 2.54
CA GLU A 233 -3.50 20.41 1.72
C GLU A 233 -2.60 21.56 2.18
N ASN A 234 -2.61 21.83 3.48
CA ASN A 234 -1.83 22.93 4.04
C ASN A 234 -0.34 22.68 3.96
N MET A 235 0.06 21.44 4.22
CA MET A 235 1.47 21.06 4.14
C MET A 235 1.96 21.17 2.70
N THR A 236 1.14 20.75 1.74
CA THR A 236 1.51 20.87 0.33
C THR A 236 1.67 22.33 -0.07
N ALA A 237 0.70 23.14 0.32
CA ALA A 237 0.74 24.59 0.08
C ALA A 237 2.02 25.20 0.65
N ALA A 238 2.37 24.81 1.86
CA ALA A 238 3.54 25.35 2.53
C ALA A 238 4.82 25.00 1.78
N LEU A 239 4.92 23.76 1.32
CA LEU A 239 6.11 23.31 0.59
C LEU A 239 6.23 24.00 -0.77
N LYS A 240 5.10 24.22 -1.44
CA LYS A 240 5.11 24.99 -2.69
C LYS A 240 5.71 26.37 -2.46
N LYS A 241 5.28 27.01 -1.38
CA LYS A 241 5.73 28.35 -1.04
C LYS A 241 7.22 28.37 -0.67
N GLU A 242 7.67 27.37 0.08
CA GLU A 242 9.08 27.30 0.47
C GLU A 242 9.94 27.03 -0.75
N LEU A 243 9.48 26.13 -1.62
CA LEU A 243 10.22 25.78 -2.83
C LEU A 243 10.42 27.00 -3.73
N LYS A 244 9.34 27.75 -3.94
CA LYS A 244 9.40 28.92 -4.81
C LYS A 244 10.39 29.94 -4.24
N ALA A 245 10.33 30.14 -2.94
CA ALA A 245 11.19 31.11 -2.26
C ALA A 245 12.67 30.68 -2.25
N ALA A 246 12.94 29.39 -2.45
CA ALA A 246 14.30 28.90 -2.34
C ALA A 246 15.12 29.11 -3.62
N ASN A 247 14.43 29.38 -4.72
CA ASN A 247 15.08 29.59 -6.02
C ASN A 247 16.10 28.52 -6.33
N ILE A 248 15.67 27.27 -6.41
CA ILE A 248 16.59 26.14 -6.57
C ILE A 248 16.97 25.99 -8.04
N ASP A 249 18.16 25.43 -8.26
CA ASP A 249 18.65 25.19 -9.61
C ASP A 249 19.00 23.70 -9.77
N ILE A 250 18.23 23.01 -10.61
CA ILE A 250 18.44 21.58 -10.86
C ILE A 250 19.49 21.39 -11.96
N LYS A 251 20.57 20.69 -11.62
CA LYS A 251 21.69 20.53 -12.53
C LYS A 251 21.58 19.25 -13.35
N ASP A 252 21.01 18.21 -12.75
CA ASP A 252 20.84 16.92 -13.42
C ASP A 252 19.46 16.87 -14.09
N SER A 253 19.44 16.89 -15.42
CA SER A 253 18.19 16.96 -16.16
C SER A 253 17.34 15.69 -16.01
N ASP A 254 17.95 14.59 -15.57
CA ASP A 254 17.19 13.39 -15.21
C ASP A 254 16.21 13.68 -14.09
N LEU A 255 16.52 14.69 -13.28
CA LEU A 255 15.76 15.00 -12.07
C LEU A 255 14.89 16.24 -12.24
N LYS A 256 14.75 16.71 -13.48
CA LYS A 256 14.07 17.97 -13.75
C LYS A 256 12.64 18.02 -13.19
N ASP A 257 12.02 16.84 -13.05
CA ASP A 257 10.63 16.75 -12.60
C ASP A 257 10.45 16.22 -11.17
N ALA A 258 11.51 16.24 -10.38
CA ALA A 258 11.45 15.72 -9.02
C ALA A 258 10.45 16.48 -8.14
N PHE A 259 10.17 17.73 -8.49
CA PHE A 259 9.28 18.59 -7.71
C PHE A 259 7.96 18.92 -8.44
N ALA A 260 7.54 18.02 -9.33
CA ALA A 260 6.36 18.27 -10.17
C ALA A 260 5.11 18.61 -9.35
N ASP A 261 4.93 17.93 -8.22
CA ASP A 261 3.75 18.14 -7.39
C ASP A 261 3.75 19.49 -6.65
N TYR A 262 4.85 20.23 -6.75
CA TYR A 262 5.00 21.45 -5.95
C TYR A 262 5.30 22.70 -6.78
N THR A 263 5.11 22.62 -8.09
CA THR A 263 5.35 23.75 -8.98
C THR A 263 4.07 24.15 -9.71
N GLY B 4 32.06 12.50 -6.91
CA GLY B 4 30.63 12.79 -6.93
C GLY B 4 30.28 13.99 -6.06
N SER B 5 31.23 14.91 -5.95
CA SER B 5 31.01 16.14 -5.19
C SER B 5 30.17 17.11 -6.00
N SER B 6 30.05 16.85 -7.30
CA SER B 6 29.24 17.68 -8.19
C SER B 6 27.81 17.80 -7.68
N ALA B 7 27.21 18.97 -7.87
CA ALA B 7 25.85 19.23 -7.42
C ALA B 7 24.83 18.74 -8.44
N VAL B 8 23.86 17.96 -7.97
CA VAL B 8 22.70 17.63 -8.78
C VAL B 8 21.62 18.71 -8.59
N ILE B 9 21.59 19.31 -7.42
CA ILE B 9 20.71 20.45 -7.14
C ILE B 9 21.42 21.52 -6.32
N LYS B 10 21.24 22.78 -6.71
CA LYS B 10 21.76 23.92 -5.96
C LYS B 10 20.65 24.69 -5.25
N THR B 11 20.93 25.10 -4.02
CA THR B 11 20.01 25.93 -3.25
C THR B 11 20.81 26.97 -2.49
N ASP B 12 20.13 28.00 -1.99
CA ASP B 12 20.78 29.00 -1.14
C ASP B 12 21.32 28.37 0.14
N ALA B 13 20.78 27.21 0.50
CA ALA B 13 21.17 26.52 1.73
C ALA B 13 22.30 25.52 1.49
N GLY B 14 22.83 25.49 0.28
CA GLY B 14 23.85 24.53 -0.09
C GLY B 14 23.38 23.56 -1.16
N SER B 15 24.29 22.73 -1.64
CA SER B 15 24.02 21.82 -2.74
C SER B 15 23.70 20.41 -2.28
N VAL B 16 22.88 19.71 -3.05
CA VAL B 16 22.75 18.27 -2.92
C VAL B 16 23.69 17.69 -3.96
N THR B 17 24.63 16.87 -3.53
CA THR B 17 25.64 16.33 -4.43
C THR B 17 25.26 14.95 -4.94
N GLN B 18 25.99 14.49 -5.95
CA GLN B 18 25.85 13.15 -6.47
C GLN B 18 26.09 12.13 -5.37
N ASP B 19 27.15 12.36 -4.59
CA ASP B 19 27.50 11.49 -3.47
C ASP B 19 26.35 11.35 -2.49
N GLU B 20 25.78 12.48 -2.08
CA GLU B 20 24.69 12.48 -1.11
C GLU B 20 23.45 11.77 -1.65
N LEU B 21 23.17 11.93 -2.94
CA LEU B 21 22.01 11.29 -3.52
C LEU B 21 22.25 9.78 -3.65
N TYR B 22 23.45 9.41 -4.11
CA TYR B 22 23.84 8.00 -4.19
C TYR B 22 23.66 7.25 -2.88
N GLU B 23 24.24 7.78 -1.80
CA GLU B 23 24.22 7.10 -0.51
C GLU B 23 22.82 7.08 0.09
N ALA B 24 22.05 8.14 -0.13
CA ALA B 24 20.69 8.20 0.40
C ALA B 24 19.86 7.12 -0.28
N MET B 25 19.98 7.00 -1.60
CA MET B 25 19.31 5.94 -2.33
C MET B 25 19.82 4.56 -1.96
N LYS B 26 21.13 4.40 -1.86
CA LYS B 26 21.72 3.10 -1.57
C LYS B 26 21.24 2.51 -0.24
N THR B 27 21.11 3.36 0.77
CA THR B 27 20.72 2.91 2.10
C THR B 27 19.38 2.18 2.09
N THR B 28 18.45 2.70 1.30
CA THR B 28 17.09 2.17 1.27
C THR B 28 16.87 1.20 0.12
N TYR B 29 17.42 1.51 -1.05
CA TYR B 29 17.12 0.79 -2.27
C TYR B 29 18.30 0.03 -2.88
N GLY B 30 19.47 0.14 -2.26
CA GLY B 30 20.68 -0.43 -2.83
C GLY B 30 20.65 -1.94 -2.97
N ASN B 31 20.24 -2.63 -1.90
CA ASN B 31 20.11 -4.09 -1.93
C ASN B 31 19.16 -4.57 -3.01
N GLU B 32 18.00 -3.93 -3.12
CA GLU B 32 16.97 -4.36 -4.05
C GLU B 32 17.40 -4.15 -5.50
N VAL B 33 17.98 -2.99 -5.78
CA VAL B 33 18.37 -2.66 -7.14
C VAL B 33 19.60 -3.46 -7.60
N VAL B 34 20.59 -3.60 -6.73
CA VAL B 34 21.83 -4.28 -7.11
C VAL B 34 21.54 -5.77 -7.35
N GLN B 35 20.55 -6.31 -6.64
CA GLN B 35 20.12 -7.68 -6.85
C GLN B 35 19.61 -7.87 -8.28
N GLN B 36 18.73 -6.96 -8.69
CA GLN B 36 18.13 -7.03 -10.02
C GLN B 36 19.15 -6.83 -11.12
N LEU B 37 20.04 -5.85 -10.93
CA LEU B 37 21.13 -5.61 -11.88
C LEU B 37 21.98 -6.88 -12.02
N THR B 38 22.21 -7.56 -10.90
CA THR B 38 23.05 -8.74 -10.90
C THR B 38 22.36 -9.88 -11.63
N PHE B 39 21.10 -10.15 -11.28
CA PHE B 39 20.34 -11.20 -11.94
C PHE B 39 20.17 -10.94 -13.43
N LYS B 40 19.92 -9.68 -13.79
CA LYS B 40 19.73 -9.34 -15.19
C LYS B 40 20.95 -9.73 -16.02
N LYS B 41 22.14 -9.43 -15.48
CA LYS B 41 23.37 -9.75 -16.19
C LYS B 41 23.63 -11.23 -16.37
N ILE B 42 23.51 -11.99 -15.29
CA ILE B 42 23.82 -13.41 -15.35
C ILE B 42 22.79 -14.12 -16.21
N LEU B 43 21.53 -13.68 -16.14
CA LEU B 43 20.48 -14.31 -16.93
C LEU B 43 20.55 -13.95 -18.42
N GLU B 44 20.82 -12.69 -18.74
CA GLU B 44 20.92 -12.28 -20.14
C GLU B 44 22.09 -13.02 -20.79
N ASP B 45 23.07 -13.40 -19.97
CA ASP B 45 24.23 -14.15 -20.45
C ASP B 45 23.82 -15.53 -20.94
N LYS B 46 22.84 -16.14 -20.27
CA LYS B 46 22.45 -17.53 -20.55
C LYS B 46 21.19 -17.64 -21.39
N TYR B 47 20.32 -16.65 -21.31
CA TYR B 47 19.01 -16.73 -21.93
C TYR B 47 18.81 -15.57 -22.89
N THR B 48 18.26 -15.87 -24.06
CA THR B 48 18.04 -14.86 -25.08
C THR B 48 16.66 -14.25 -24.97
N VAL B 49 16.62 -12.93 -24.92
CA VAL B 49 15.37 -12.19 -25.04
C VAL B 49 15.56 -11.26 -26.23
N THR B 50 14.67 -11.38 -27.21
CA THR B 50 14.76 -10.57 -28.42
C THR B 50 13.93 -9.31 -28.24
N GLU B 51 14.29 -8.26 -28.97
CA GLU B 51 13.57 -7.00 -28.88
C GLU B 51 12.12 -7.19 -29.29
N LYS B 52 11.87 -8.08 -30.25
CA LYS B 52 10.51 -8.42 -30.65
C LYS B 52 9.73 -9.08 -29.53
N GLU B 53 10.36 -10.00 -28.80
CA GLU B 53 9.69 -10.68 -27.69
C GLU B 53 9.21 -9.63 -26.70
N VAL B 54 10.06 -8.64 -26.45
CA VAL B 54 9.71 -7.56 -25.53
C VAL B 54 8.56 -6.73 -26.11
N ASN B 55 8.59 -6.55 -27.43
CA ASN B 55 7.53 -5.78 -28.11
C ASN B 55 6.18 -6.49 -28.04
N ALA B 56 6.19 -7.80 -28.26
CA ALA B 56 4.96 -8.58 -28.22
C ALA B 56 4.30 -8.49 -26.85
N GLU B 57 5.13 -8.55 -25.81
CA GLU B 57 4.66 -8.42 -24.43
C GLU B 57 4.12 -7.01 -24.19
N TYR B 58 4.87 -6.03 -24.66
CA TYR B 58 4.50 -4.63 -24.52
C TYR B 58 3.13 -4.30 -25.12
N LYS B 59 2.86 -4.82 -26.30
CA LYS B 59 1.63 -4.48 -27.02
C LYS B 59 0.38 -5.02 -26.33
N LYS B 60 0.46 -6.26 -25.82
CA LYS B 60 -0.62 -6.82 -25.00
C LYS B 60 -1.14 -5.79 -24.02
N TYR B 61 -0.25 -5.30 -23.17
CA TYR B 61 -0.60 -4.30 -22.17
C TYR B 61 -1.13 -3.03 -22.82
N GLU B 62 -0.50 -2.62 -23.92
CA GLU B 62 -0.80 -1.35 -24.56
C GLU B 62 -2.22 -1.33 -25.12
N GLU B 63 -2.69 -2.48 -25.60
CA GLU B 63 -4.03 -2.57 -26.18
C GLU B 63 -5.15 -2.37 -25.16
N GLN B 64 -5.10 -3.17 -24.09
CA GLN B 64 -6.13 -3.13 -23.07
C GLN B 64 -6.38 -1.75 -22.49
N TYR B 65 -5.29 -1.06 -22.13
CA TYR B 65 -5.42 0.21 -21.42
C TYR B 65 -5.84 1.37 -22.31
N GLY B 66 -5.56 1.28 -23.61
CA GLY B 66 -5.97 2.32 -24.54
C GLY B 66 -5.60 3.72 -24.09
N ASP B 67 -6.62 4.54 -23.89
CA ASP B 67 -6.43 5.94 -23.48
C ASP B 67 -5.68 6.04 -22.17
N SER B 68 -5.90 5.06 -21.29
CA SER B 68 -5.36 5.08 -19.94
C SER B 68 -3.95 4.50 -19.81
N PHE B 69 -3.36 4.05 -20.91
CA PHE B 69 -2.05 3.41 -20.85
C PHE B 69 -1.02 4.29 -20.15
N GLU B 70 -0.69 5.42 -20.76
CA GLU B 70 0.30 6.33 -20.20
C GLU B 70 -0.03 6.75 -18.77
N SER B 71 -1.31 6.88 -18.47
CA SER B 71 -1.75 7.32 -17.14
C SER B 71 -1.43 6.27 -16.09
N THR B 72 -1.58 5.00 -16.44
CA THR B 72 -1.37 3.91 -15.48
C THR B 72 0.11 3.67 -15.21
N LEU B 73 0.95 3.98 -16.19
CA LEU B 73 2.40 3.88 -16.02
C LEU B 73 2.86 4.88 -14.96
N SER B 74 2.42 6.12 -15.11
CA SER B 74 2.80 7.20 -14.21
C SER B 74 2.34 6.91 -12.79
N SER B 75 1.16 6.32 -12.64
CA SER B 75 0.61 6.01 -11.33
C SER B 75 1.40 4.90 -10.63
N ASN B 76 2.10 4.10 -11.43
CA ASN B 76 2.96 3.03 -10.92
C ASN B 76 4.43 3.42 -10.98
N ASN B 77 4.69 4.71 -11.13
CA ASN B 77 6.06 5.23 -11.24
C ASN B 77 6.83 4.57 -12.38
N LEU B 78 6.24 4.59 -13.57
CA LEU B 78 6.88 4.04 -14.76
C LEU B 78 6.83 5.00 -15.94
N THR B 79 7.87 4.96 -16.75
CA THR B 79 7.82 5.49 -18.10
C THR B 79 7.65 4.27 -19.00
N LYS B 80 7.39 4.47 -20.28
CA LYS B 80 7.28 3.35 -21.20
C LYS B 80 8.58 2.57 -21.28
N THR B 81 9.69 3.29 -21.33
CA THR B 81 11.00 2.67 -21.44
C THR B 81 11.34 1.92 -20.15
N SER B 82 11.10 2.52 -18.99
CA SER B 82 11.36 1.84 -17.73
C SER B 82 10.44 0.62 -17.64
N PHE B 83 9.24 0.74 -18.20
CA PHE B 83 8.31 -0.39 -18.27
C PHE B 83 8.87 -1.44 -19.22
N LYS B 84 9.42 -1.00 -20.35
CA LYS B 84 10.10 -1.89 -21.29
C LYS B 84 11.19 -2.71 -20.64
N GLU B 85 11.93 -2.08 -19.73
CA GLU B 85 13.03 -2.72 -19.05
C GLU B 85 12.52 -3.79 -18.09
N ASN B 86 11.43 -3.46 -17.39
CA ASN B 86 10.80 -4.40 -16.46
C ASN B 86 10.22 -5.63 -17.16
N LEU B 87 9.67 -5.43 -18.36
CA LEU B 87 9.14 -6.55 -19.13
C LEU B 87 10.27 -7.46 -19.55
N GLU B 88 11.40 -6.85 -19.89
CA GLU B 88 12.59 -7.60 -20.28
C GLU B 88 13.13 -8.43 -19.13
N TYR B 89 13.14 -7.83 -17.94
CA TYR B 89 13.66 -8.50 -16.76
C TYR B 89 12.76 -9.69 -16.41
N ASN B 90 11.45 -9.46 -16.49
CA ASN B 90 10.48 -10.50 -16.21
C ASN B 90 10.59 -11.67 -17.18
N LEU B 91 10.85 -11.38 -18.45
CA LEU B 91 11.03 -12.42 -19.45
C LEU B 91 12.26 -13.27 -19.18
N LEU B 92 13.35 -12.64 -18.78
CA LEU B 92 14.57 -13.36 -18.42
C LEU B 92 14.31 -14.34 -17.26
N VAL B 93 13.62 -13.86 -16.24
CA VAL B 93 13.31 -14.69 -15.08
C VAL B 93 12.38 -15.80 -15.51
N GLN B 94 11.44 -15.46 -16.38
CA GLN B 94 10.47 -16.42 -16.91
C GLN B 94 11.17 -17.55 -17.66
N LYS B 95 12.15 -17.19 -18.47
CA LYS B 95 12.91 -18.17 -19.24
C LYS B 95 13.70 -19.12 -18.33
N ALA B 96 14.31 -18.56 -17.29
CA ALA B 96 15.10 -19.36 -16.36
C ALA B 96 14.22 -20.31 -15.59
N THR B 97 12.98 -19.90 -15.33
CA THR B 97 12.04 -20.73 -14.59
C THR B 97 11.52 -21.85 -15.48
N GLU B 98 11.24 -21.54 -16.74
CA GLU B 98 10.79 -22.54 -17.71
C GLU B 98 11.86 -23.57 -17.99
N ALA B 99 13.12 -23.14 -18.01
CA ALA B 99 14.23 -24.06 -18.25
C ALA B 99 14.29 -25.14 -17.17
N ASN B 100 13.70 -24.86 -16.01
CA ASN B 100 13.68 -25.81 -14.90
C ASN B 100 12.35 -26.54 -14.76
N MET B 101 11.48 -26.40 -15.74
CA MET B 101 10.17 -27.05 -15.69
C MET B 101 10.24 -28.40 -16.38
N ASP B 102 9.59 -29.39 -15.78
CA ASP B 102 9.37 -30.68 -16.42
C ASP B 102 8.03 -30.61 -17.15
N VAL B 103 8.08 -30.53 -18.47
CA VAL B 103 6.88 -30.53 -19.31
C VAL B 103 6.79 -31.87 -20.01
N SER B 104 6.63 -32.92 -19.21
CA SER B 104 6.46 -34.26 -19.75
C SER B 104 4.99 -34.49 -20.02
N GLU B 105 4.70 -35.37 -20.97
CA GLU B 105 3.34 -35.72 -21.30
C GLU B 105 2.53 -36.14 -20.07
N SER B 106 3.16 -36.87 -19.16
CA SER B 106 2.48 -37.38 -17.98
C SER B 106 2.03 -36.25 -17.05
N LYS B 107 2.83 -35.20 -16.95
CA LYS B 107 2.46 -34.02 -16.17
C LYS B 107 1.31 -33.27 -16.82
N LEU B 108 1.39 -33.11 -18.14
CA LEU B 108 0.34 -32.42 -18.89
C LEU B 108 -0.97 -33.19 -18.80
N LYS B 109 -0.91 -34.51 -18.95
CA LYS B 109 -2.11 -35.34 -18.86
C LYS B 109 -2.69 -35.28 -17.44
N ALA B 110 -1.80 -35.23 -16.44
CA ALA B 110 -2.21 -35.12 -15.05
C ALA B 110 -2.82 -33.75 -14.74
N TYR B 111 -2.23 -32.70 -15.31
CA TYR B 111 -2.75 -31.35 -15.11
C TYR B 111 -4.11 -31.16 -15.78
N TYR B 112 -4.33 -31.85 -16.89
CA TYR B 112 -5.56 -31.74 -17.66
C TYR B 112 -6.84 -32.02 -16.87
N LYS B 113 -6.83 -33.02 -16.00
CA LYS B 113 -8.02 -33.38 -15.23
C LYS B 113 -8.52 -32.26 -14.31
N THR B 114 -7.61 -31.53 -13.67
CA THR B 114 -8.00 -30.47 -12.75
C THR B 114 -8.35 -29.17 -13.48
N TRP B 115 -7.70 -28.95 -14.62
CA TRP B 115 -7.85 -27.72 -15.38
C TRP B 115 -9.27 -27.42 -15.86
N GLU B 116 -9.60 -26.13 -15.89
CA GLU B 116 -10.81 -25.65 -16.54
C GLU B 116 -10.47 -24.43 -17.39
N PRO B 117 -11.16 -24.24 -18.53
CA PRO B 117 -11.02 -23.01 -19.31
C PRO B 117 -11.50 -21.76 -18.57
N ASP B 118 -11.10 -20.59 -19.06
CA ASP B 118 -11.53 -19.32 -18.49
C ASP B 118 -13.05 -19.12 -18.58
N ILE B 119 -13.59 -18.36 -17.64
CA ILE B 119 -15.02 -18.06 -17.59
C ILE B 119 -15.23 -16.54 -17.56
N THR B 120 -16.27 -16.06 -18.24
CA THR B 120 -16.61 -14.64 -18.26
C THR B 120 -17.97 -14.41 -17.61
N VAL B 121 -18.01 -13.51 -16.63
CA VAL B 121 -19.25 -13.21 -15.92
C VAL B 121 -19.42 -11.70 -15.72
N ARG B 122 -20.61 -11.33 -15.26
CA ARG B 122 -20.88 -10.00 -14.71
C ARG B 122 -21.07 -10.16 -13.21
N HIS B 123 -20.96 -9.09 -12.45
CA HIS B 123 -21.33 -9.17 -11.03
C HIS B 123 -21.78 -7.82 -10.45
N ILE B 124 -22.42 -7.90 -9.28
CA ILE B 124 -22.87 -6.73 -8.54
C ILE B 124 -22.32 -6.84 -7.12
N LEU B 125 -21.63 -5.81 -6.66
CA LEU B 125 -21.03 -5.83 -5.33
C LEU B 125 -21.73 -4.86 -4.39
N VAL B 126 -22.08 -5.37 -3.21
CA VAL B 126 -22.75 -4.56 -2.20
C VAL B 126 -22.25 -4.87 -0.79
N ASP B 127 -22.52 -3.97 0.15
CA ASP B 127 -21.93 -4.03 1.49
C ASP B 127 -22.54 -5.10 2.39
N ASP B 128 -23.83 -5.37 2.25
CA ASP B 128 -24.50 -6.33 3.12
C ASP B 128 -25.60 -7.12 2.39
N GLU B 129 -26.02 -8.20 3.02
CA GLU B 129 -26.90 -9.19 2.40
C GLU B 129 -28.31 -8.66 2.14
N ALA B 130 -28.81 -7.81 3.03
CA ALA B 130 -30.16 -7.26 2.90
C ALA B 130 -30.29 -6.37 1.66
N THR B 131 -29.25 -5.60 1.35
CA THR B 131 -29.28 -4.77 0.15
C THR B 131 -29.32 -5.69 -1.06
N ALA B 132 -28.55 -6.77 -1.01
CA ALA B 132 -28.56 -7.78 -2.06
C ALA B 132 -29.95 -8.40 -2.10
N LYS B 133 -30.55 -8.59 -0.93
CA LYS B 133 -31.90 -9.14 -0.85
C LYS B 133 -32.90 -8.23 -1.53
N GLU B 134 -32.72 -6.92 -1.38
CA GLU B 134 -33.52 -5.96 -2.13
C GLU B 134 -33.28 -6.20 -3.62
N ILE B 135 -32.01 -6.35 -3.98
CA ILE B 135 -31.60 -6.69 -5.34
C ILE B 135 -32.04 -8.12 -5.69
N GLN B 136 -32.07 -8.99 -4.69
CA GLN B 136 -32.45 -10.39 -4.88
C GLN B 136 -33.89 -10.51 -5.34
N THR B 137 -34.73 -9.63 -4.81
CA THR B 137 -36.14 -9.60 -5.16
C THR B 137 -36.37 -8.63 -6.33
N LYS B 138 -35.40 -7.75 -6.58
CA LYS B 138 -35.51 -6.65 -7.57
C LYS B 138 -36.01 -7.06 -8.96
N LEU B 139 -35.74 -8.29 -9.37
CA LEU B 139 -36.13 -8.74 -10.71
C LEU B 139 -37.63 -8.55 -10.96
N LYS B 140 -38.43 -8.93 -9.97
CA LYS B 140 -39.88 -8.80 -9.99
C LYS B 140 -40.48 -8.97 -11.38
N GLU B 143 -36.37 -7.63 -13.81
CA GLU B 143 -35.76 -6.59 -14.65
C GLU B 143 -34.24 -6.68 -14.63
N LYS B 144 -33.62 -5.84 -15.45
CA LYS B 144 -32.33 -6.13 -16.06
C LYS B 144 -31.12 -6.04 -15.12
N PHE B 145 -30.31 -7.09 -15.16
CA PHE B 145 -29.11 -7.22 -14.35
C PHE B 145 -28.12 -6.07 -14.54
N THR B 146 -27.84 -5.74 -15.81
CA THR B 146 -26.90 -4.69 -16.11
C THR B 146 -27.40 -3.34 -15.61
N ASP B 147 -28.70 -3.13 -15.66
CA ASP B 147 -29.29 -1.88 -15.18
C ASP B 147 -29.07 -1.67 -13.68
N LEU B 148 -29.23 -2.74 -12.91
CA LEU B 148 -29.11 -2.64 -11.45
C LEU B 148 -27.66 -2.66 -11.00
N ALA B 149 -26.76 -3.10 -11.86
CA ALA B 149 -25.33 -3.07 -11.55
C ALA B 149 -24.84 -1.63 -11.37
N LYS B 150 -25.14 -0.76 -12.32
CA LYS B 150 -24.73 0.64 -12.19
C LYS B 150 -25.57 1.33 -11.12
N GLU B 151 -26.75 0.77 -10.85
CA GLU B 151 -27.65 1.31 -9.83
C GLU B 151 -27.16 1.01 -8.42
N TYR B 152 -26.65 -0.20 -8.21
CA TYR B 152 -26.25 -0.66 -6.86
C TYR B 152 -24.77 -0.98 -6.64
N SER B 153 -24.06 -1.42 -7.67
CA SER B 153 -22.73 -2.00 -7.46
C SER B 153 -21.70 -0.98 -6.98
N THR B 154 -21.05 -1.29 -5.86
CA THR B 154 -19.99 -0.44 -5.31
C THR B 154 -18.62 -0.70 -5.97
N ASP B 155 -18.61 -1.53 -7.01
CA ASP B 155 -17.39 -1.82 -7.76
C ASP B 155 -17.22 -0.82 -8.90
N THR B 156 -16.50 0.27 -8.64
CA THR B 156 -16.36 1.35 -9.60
C THR B 156 -15.65 0.92 -10.88
N ALA B 157 -14.87 -0.16 -10.80
CA ALA B 157 -14.13 -0.65 -11.95
C ALA B 157 -15.06 -1.21 -13.02
N THR B 158 -16.22 -1.73 -12.59
CA THR B 158 -17.11 -2.46 -13.48
C THR B 158 -18.55 -1.94 -13.47
N SER B 159 -18.87 -1.07 -12.51
CA SER B 159 -20.25 -0.62 -12.31
C SER B 159 -20.82 0.02 -13.57
N THR B 160 -20.00 0.85 -14.23
CA THR B 160 -20.41 1.55 -15.43
C THR B 160 -20.70 0.59 -16.57
N ASN B 161 -19.98 -0.53 -16.58
CA ASN B 161 -20.04 -1.50 -17.66
C ASN B 161 -20.96 -2.67 -17.37
N GLY B 162 -22.05 -2.41 -16.66
CA GLY B 162 -23.01 -3.45 -16.33
C GLY B 162 -22.44 -4.50 -15.40
N GLY B 163 -21.29 -4.21 -14.81
CA GLY B 163 -20.63 -5.14 -13.91
C GLY B 163 -19.76 -6.19 -14.60
N LEU B 164 -19.44 -5.97 -15.87
CA LEU B 164 -18.67 -6.93 -16.66
C LEU B 164 -17.27 -7.20 -16.09
N LEU B 165 -16.93 -8.47 -15.95
CA LEU B 165 -15.59 -8.87 -15.52
C LEU B 165 -14.73 -9.41 -16.68
N ASP B 166 -13.42 -9.45 -16.47
CA ASP B 166 -12.50 -10.10 -17.40
C ASP B 166 -12.66 -11.62 -17.36
N PRO B 167 -12.23 -12.33 -18.42
CA PRO B 167 -12.16 -13.79 -18.30
C PRO B 167 -11.14 -14.23 -17.23
N PHE B 168 -11.46 -15.26 -16.45
CA PHE B 168 -10.53 -15.76 -15.44
C PHE B 168 -10.65 -17.28 -15.24
N GLY B 169 -9.56 -17.91 -14.79
CA GLY B 169 -9.54 -19.34 -14.50
C GLY B 169 -9.53 -19.72 -13.02
N PRO B 170 -9.40 -21.02 -12.73
CA PRO B 170 -9.31 -21.56 -11.36
C PRO B 170 -8.00 -21.26 -10.65
N GLY B 171 -8.11 -21.05 -9.34
CA GLY B 171 -6.99 -20.64 -8.51
C GLY B 171 -6.66 -19.17 -8.67
N GLU B 172 -6.97 -18.62 -9.84
CA GLU B 172 -6.52 -17.28 -10.22
C GLU B 172 -7.38 -16.14 -9.67
N MET B 173 -8.59 -16.45 -9.24
CA MET B 173 -9.46 -15.45 -8.58
C MET B 173 -9.94 -15.94 -7.22
N ASP B 174 -10.58 -15.04 -6.48
CA ASP B 174 -11.08 -15.35 -5.14
C ASP B 174 -11.88 -16.65 -5.12
N GLU B 175 -11.60 -17.49 -4.12
CA GLU B 175 -12.09 -18.86 -4.13
C GLU B 175 -13.62 -18.93 -4.11
N THR B 176 -14.26 -18.24 -3.17
CA THR B 176 -15.72 -18.34 -3.03
C THR B 176 -16.46 -17.81 -4.25
N PHE B 177 -15.98 -16.71 -4.80
CA PHE B 177 -16.56 -16.10 -5.98
C PHE B 177 -16.59 -17.07 -7.14
N GLU B 178 -15.46 -17.71 -7.38
CA GLU B 178 -15.30 -18.60 -8.53
C GLU B 178 -16.16 -19.87 -8.45
N LYS B 179 -16.23 -20.46 -7.26
CA LYS B 179 -17.04 -21.66 -7.05
C LYS B 179 -18.44 -21.36 -7.57
N ALA B 180 -18.96 -20.22 -7.16
CA ALA B 180 -20.30 -19.76 -7.54
C ALA B 180 -20.39 -19.49 -9.04
N ALA B 181 -19.31 -18.97 -9.63
CA ALA B 181 -19.30 -18.61 -11.04
C ALA B 181 -19.39 -19.83 -11.96
N TYR B 182 -18.56 -20.83 -11.70
CA TYR B 182 -18.52 -22.02 -12.55
C TYR B 182 -19.77 -22.88 -12.38
N ALA B 183 -20.48 -22.67 -11.26
CA ALA B 183 -21.75 -23.34 -11.03
C ALA B 183 -22.82 -22.81 -11.99
N LEU B 184 -22.56 -21.66 -12.62
CA LEU B 184 -23.48 -21.09 -13.58
C LEU B 184 -23.59 -21.97 -14.83
N GLU B 185 -24.79 -22.05 -15.40
CA GLU B 185 -25.09 -23.02 -16.45
C GLU B 185 -25.17 -22.42 -17.85
N ASN B 186 -26.06 -21.44 -18.04
CA ASN B 186 -26.35 -20.89 -19.36
C ASN B 186 -26.24 -19.37 -19.40
N LYS B 187 -26.11 -18.84 -20.62
CA LYS B 187 -26.03 -17.40 -20.86
C LYS B 187 -27.03 -16.57 -20.05
N ASP B 188 -26.46 -15.64 -19.27
CA ASP B 188 -27.17 -14.60 -18.52
C ASP B 188 -27.97 -15.04 -17.28
N ASP B 189 -28.01 -16.33 -16.96
CA ASP B 189 -28.63 -16.76 -15.70
C ASP B 189 -27.76 -16.37 -14.49
N VAL B 190 -28.39 -16.25 -13.33
CA VAL B 190 -27.80 -15.57 -12.16
C VAL B 190 -27.63 -16.42 -10.89
N SER B 191 -26.56 -16.13 -10.15
CA SER B 191 -26.23 -16.82 -8.90
C SER B 191 -27.08 -16.38 -7.71
N GLY B 192 -26.96 -17.10 -6.60
CA GLY B 192 -27.43 -16.61 -5.31
C GLY B 192 -26.42 -15.64 -4.74
N ILE B 193 -26.67 -15.14 -3.52
CA ILE B 193 -25.74 -14.21 -2.89
C ILE B 193 -24.45 -14.92 -2.45
N VAL B 194 -23.32 -14.36 -2.85
CA VAL B 194 -21.99 -14.86 -2.49
C VAL B 194 -21.35 -13.89 -1.52
N LYS B 195 -20.71 -14.39 -0.46
CA LYS B 195 -20.03 -13.51 0.49
C LYS B 195 -18.52 -13.69 0.36
N SER B 196 -17.86 -12.68 -0.21
CA SER B 196 -16.42 -12.69 -0.39
C SER B 196 -15.72 -11.75 0.58
N THR B 197 -14.41 -11.62 0.42
CA THR B 197 -13.63 -10.68 1.21
C THR B 197 -14.08 -9.24 0.97
N TYR B 198 -14.58 -8.98 -0.23
CA TYR B 198 -14.97 -7.63 -0.63
C TYR B 198 -16.37 -7.24 -0.16
N GLY B 199 -17.26 -8.21 -0.07
CA GLY B 199 -18.65 -7.95 0.27
C GLY B 199 -19.57 -9.06 -0.22
N TYR B 200 -20.80 -8.71 -0.56
CA TYR B 200 -21.78 -9.67 -1.07
C TYR B 200 -21.98 -9.48 -2.57
N HIS B 201 -21.94 -10.58 -3.32
CA HIS B 201 -22.09 -10.53 -4.78
C HIS B 201 -23.32 -11.24 -5.32
N LEU B 202 -23.77 -10.79 -6.49
CA LEU B 202 -24.60 -11.58 -7.40
C LEU B 202 -23.83 -11.70 -8.72
N ILE B 203 -23.87 -12.87 -9.35
CA ILE B 203 -23.06 -13.12 -10.55
C ILE B 203 -23.90 -13.61 -11.74
N GLN B 204 -23.65 -13.04 -12.91
CA GLN B 204 -24.34 -13.44 -14.14
C GLN B 204 -23.36 -13.94 -15.23
N LEU B 205 -23.71 -15.07 -15.86
CA LEU B 205 -22.88 -15.68 -16.91
C LEU B 205 -23.04 -15.06 -18.30
N VAL B 206 -21.92 -14.88 -18.99
CA VAL B 206 -21.96 -14.51 -20.41
C VAL B 206 -21.32 -15.60 -21.27
N LYS B 207 -20.11 -16.05 -20.93
CA LYS B 207 -19.47 -17.08 -21.73
C LYS B 207 -18.74 -18.15 -20.92
N LYS B 208 -19.01 -19.38 -21.30
CA LYS B 208 -18.36 -20.57 -20.77
C LYS B 208 -18.06 -21.48 -21.95
N THR B 209 -17.00 -22.28 -21.84
CA THR B 209 -16.66 -23.27 -22.87
C THR B 209 -16.52 -24.65 -22.26
N ALA B 215 -11.89 -33.71 -28.42
CA ALA B 215 -10.46 -33.87 -28.20
C ALA B 215 -10.03 -33.15 -26.93
N LYS B 216 -8.76 -33.30 -26.56
CA LYS B 216 -8.22 -32.63 -25.39
C LYS B 216 -8.04 -31.14 -25.65
N GLU B 217 -7.71 -30.78 -26.90
CA GLU B 217 -7.52 -29.38 -27.26
C GLU B 217 -6.34 -28.82 -26.44
N LYS B 218 -5.40 -29.71 -26.18
CA LYS B 218 -4.35 -29.57 -25.16
C LYS B 218 -3.32 -28.44 -25.28
N ALA B 219 -2.98 -28.01 -26.49
CA ALA B 219 -1.90 -27.04 -26.66
C ALA B 219 -2.16 -25.79 -25.82
N ASN B 220 -3.43 -25.46 -25.63
CA ASN B 220 -3.83 -24.45 -24.67
C ASN B 220 -3.46 -24.86 -23.24
N VAL B 221 -3.65 -26.13 -22.91
CA VAL B 221 -3.33 -26.64 -21.58
C VAL B 221 -1.82 -26.55 -21.34
N LYS B 222 -1.03 -26.81 -22.38
CA LYS B 222 0.42 -26.70 -22.27
C LYS B 222 0.76 -25.28 -21.83
N ALA B 223 0.08 -24.31 -22.44
CA ALA B 223 0.25 -22.91 -22.09
C ALA B 223 -0.20 -22.67 -20.65
N ALA B 224 -1.30 -23.30 -20.28
CA ALA B 224 -1.88 -23.13 -18.94
C ALA B 224 -0.99 -23.76 -17.86
N TYR B 225 -0.42 -24.92 -18.15
CA TYR B 225 0.43 -25.61 -17.18
C TYR B 225 1.69 -24.78 -16.92
N ILE B 226 2.29 -24.28 -17.98
CA ILE B 226 3.49 -23.46 -17.86
C ILE B 226 3.13 -22.21 -17.06
N LYS B 227 1.94 -21.65 -17.32
CA LYS B 227 1.46 -20.50 -16.57
C LYS B 227 1.41 -20.77 -15.07
N SER B 228 0.83 -21.91 -14.72
CA SER B 228 0.63 -22.28 -13.32
C SER B 228 1.94 -22.56 -12.59
N GLN B 229 2.98 -22.84 -13.35
CA GLN B 229 4.28 -23.18 -12.76
C GLN B 229 5.17 -21.96 -12.56
N LEU B 230 4.72 -20.80 -13.03
CA LEU B 230 5.46 -19.56 -12.77
C LEU B 230 5.10 -19.03 -11.38
N THR B 231 5.33 -19.87 -10.38
CA THR B 231 5.10 -19.51 -8.98
C THR B 231 6.33 -18.80 -8.43
N SER B 232 6.14 -18.07 -7.34
CA SER B 232 7.27 -17.38 -6.70
C SER B 232 8.31 -18.39 -6.21
N GLU B 233 7.85 -19.57 -5.77
CA GLU B 233 8.76 -20.63 -5.34
C GLU B 233 9.64 -21.14 -6.47
N ASN B 234 9.03 -21.42 -7.62
CA ASN B 234 9.76 -21.95 -8.76
C ASN B 234 10.71 -20.91 -9.32
N MET B 235 10.25 -19.67 -9.38
CA MET B 235 11.08 -18.56 -9.86
C MET B 235 12.29 -18.36 -8.94
N THR B 236 12.06 -18.41 -7.63
CA THR B 236 13.13 -18.27 -6.66
C THR B 236 14.11 -19.44 -6.77
N ALA B 237 13.57 -20.64 -6.84
CA ALA B 237 14.38 -21.85 -7.02
C ALA B 237 15.28 -21.76 -8.24
N ALA B 238 14.71 -21.30 -9.34
CA ALA B 238 15.45 -21.19 -10.59
C ALA B 238 16.59 -20.18 -10.47
N LEU B 239 16.30 -19.05 -9.82
CA LEU B 239 17.29 -17.99 -9.65
C LEU B 239 18.41 -18.40 -8.71
N LYS B 240 18.08 -19.20 -7.69
CA LYS B 240 19.10 -19.76 -6.81
C LYS B 240 20.16 -20.53 -7.59
N LYS B 241 19.71 -21.33 -8.55
CA LYS B 241 20.62 -22.12 -9.36
C LYS B 241 21.52 -21.24 -10.20
N GLU B 242 20.93 -20.19 -10.78
CA GLU B 242 21.66 -19.27 -11.64
C GLU B 242 22.66 -18.50 -10.80
N LEU B 243 22.22 -18.08 -9.63
CA LEU B 243 23.05 -17.29 -8.73
C LEU B 243 24.29 -18.09 -8.33
N LYS B 244 24.07 -19.36 -8.00
CA LYS B 244 25.16 -20.24 -7.57
C LYS B 244 26.18 -20.47 -8.69
N ALA B 245 25.69 -20.68 -9.90
CA ALA B 245 26.55 -20.96 -11.05
C ALA B 245 27.38 -19.76 -11.46
N ALA B 246 26.96 -18.56 -11.03
CA ALA B 246 27.62 -17.33 -11.46
C ALA B 246 28.85 -16.98 -10.62
N ASN B 247 29.01 -17.64 -9.47
CA ASN B 247 30.13 -17.38 -8.55
C ASN B 247 30.29 -15.90 -8.22
N ILE B 248 29.28 -15.30 -7.60
CA ILE B 248 29.32 -13.86 -7.40
C ILE B 248 30.19 -13.46 -6.21
N ASP B 249 30.81 -12.29 -6.32
CA ASP B 249 31.62 -11.72 -5.26
C ASP B 249 31.17 -10.29 -4.97
N ILE B 250 30.62 -10.06 -3.78
CA ILE B 250 30.15 -8.74 -3.40
C ILE B 250 31.30 -7.91 -2.86
N LYS B 251 31.58 -6.79 -3.51
CA LYS B 251 32.74 -5.96 -3.18
C LYS B 251 32.36 -4.87 -2.18
N ASP B 252 31.13 -4.37 -2.28
CA ASP B 252 30.63 -3.34 -1.36
C ASP B 252 29.93 -4.03 -0.19
N SER B 253 30.53 -3.95 0.99
CA SER B 253 30.03 -4.65 2.16
C SER B 253 28.66 -4.13 2.62
N ASP B 254 28.30 -2.92 2.19
CA ASP B 254 26.96 -2.41 2.44
C ASP B 254 25.90 -3.31 1.80
N LEU B 255 26.29 -4.03 0.76
CA LEU B 255 25.35 -4.79 -0.06
C LEU B 255 25.41 -6.31 0.19
N LYS B 256 26.13 -6.70 1.23
CA LYS B 256 26.36 -8.11 1.55
C LYS B 256 25.08 -8.95 1.72
N ASP B 257 23.96 -8.31 2.06
CA ASP B 257 22.71 -9.00 2.30
C ASP B 257 21.71 -8.82 1.15
N ALA B 258 22.21 -8.39 0.00
CA ALA B 258 21.36 -8.12 -1.14
C ALA B 258 20.61 -9.34 -1.66
N PHE B 259 21.15 -10.54 -1.44
CA PHE B 259 20.54 -11.78 -1.96
C PHE B 259 19.96 -12.69 -0.86
N ALA B 260 19.56 -12.07 0.25
CA ALA B 260 19.02 -12.81 1.39
C ALA B 260 17.84 -13.69 1.02
N ASP B 261 17.00 -13.22 0.09
CA ASP B 261 15.83 -13.96 -0.33
C ASP B 261 16.18 -15.23 -1.11
N TYR B 262 17.46 -15.40 -1.43
CA TYR B 262 17.91 -16.51 -2.27
C TYR B 262 18.99 -17.37 -1.62
N THR B 263 19.22 -17.19 -0.32
CA THR B 263 20.25 -17.95 0.38
C THR B 263 19.73 -18.75 1.59
N SER B 264 18.42 -18.91 1.70
CA SER B 264 17.84 -19.76 2.75
C SER B 264 17.24 -21.01 2.13
N THR B 265 16.83 -21.94 2.97
CA THR B 265 16.17 -23.16 2.48
C THR B 265 14.75 -22.85 2.03
N SER B 266 14.24 -21.67 2.41
CA SER B 266 12.90 -21.24 2.03
C SER B 266 12.95 -20.43 0.74
N SER B 267 11.81 -19.86 0.35
CA SER B 267 11.73 -19.06 -0.87
C SER B 267 11.71 -17.56 -0.57
N THR B 268 12.26 -17.18 0.58
CA THR B 268 12.27 -15.77 0.98
C THR B 268 13.14 -15.55 2.23
N SER B 269 13.44 -14.29 2.53
CA SER B 269 14.26 -13.96 3.68
C SER B 269 13.46 -14.05 4.98
N SER B 270 13.99 -13.45 6.05
CA SER B 270 13.56 -13.63 7.44
C SER B 270 14.18 -14.91 7.96
C1 MPD C . -11.38 1.90 16.83
C2 MPD C . -10.60 1.74 15.51
O2 MPD C . -9.21 2.02 15.79
CM MPD C . -10.70 0.30 15.01
C3 MPD C . -11.08 2.66 14.39
C4 MPD C . -11.45 4.09 14.79
O4 MPD C . -10.89 5.01 13.88
C5 MPD C . -12.97 4.29 14.82
H11 MPD C . -12.14 2.67 16.71
H12 MPD C . -10.68 2.20 17.62
H13 MPD C . -11.84 0.96 17.10
HO2 MPD C . -8.89 2.73 15.19
HM1 MPD C . -11.08 0.31 13.98
HM2 MPD C . -11.38 -0.26 15.65
HM3 MPD C . -9.72 -0.15 15.03
H31 MPD C . -10.29 2.71 13.63
H32 MPD C . -11.95 2.21 13.90
H4 MPD C . -11.05 4.27 15.80
HO4 MPD C . -10.59 5.81 14.36
H51 MPD C . -13.24 5.09 14.13
H52 MPD C . -13.27 4.55 15.84
H53 MPD C . -13.46 3.36 14.52
C1 MPD D . 27.77 6.91 -8.69
C2 MPD D . 29.13 7.58 -8.54
O2 MPD D . 28.81 8.69 -7.64
CM MPD D . 30.10 6.71 -7.73
C3 MPD D . 29.80 7.86 -9.91
C4 MPD D . 29.43 9.05 -10.85
O4 MPD D . 28.04 9.05 -11.10
C5 MPD D . 29.81 10.45 -10.42
H11 MPD D . 27.55 6.76 -9.74
H12 MPD D . 26.99 7.54 -8.23
H13 MPD D . 27.78 5.94 -8.19
HO2 MPD D . 29.07 9.54 -8.06
HM1 MPD D . 30.99 6.51 -8.32
HM2 MPD D . 30.38 7.23 -6.81
HM3 MPD D . 29.62 5.76 -7.47
H31 MPD D . 29.68 6.96 -10.50
H32 MPD D . 30.87 7.95 -9.73
H4 MPD D . 29.94 8.85 -11.79
HO4 MPD D . 27.89 9.21 -12.07
H51 MPD D . 28.93 11.09 -10.42
H52 MPD D . 30.56 10.86 -11.11
H53 MPD D . 30.23 10.43 -9.41
#